data_5AK0
#
_entry.id   5AK0
#
_cell.length_a   103.420
_cell.length_b   103.420
_cell.length_c   260.710
_cell.angle_alpha   90.00
_cell.angle_beta   90.00
_cell.angle_gamma   120.00
#
_symmetry.space_group_name_H-M   'P 65 2 2'
#
loop_
_entity.id
_entity.type
_entity.pdbx_description
1 polymer '6-PHOSPHOFRUCTO-2-KINASE/FRUCTOSE-2,6-BISPHOSPHATASE 3'
2 non-polymer 'PHOSPHONIC ACID'
3 non-polymer 'PHOSPHATE ION'
4 non-polymer 6-O-phosphono-beta-D-fructofuranose
5 non-polymer (2S)-N-[4-[1-METHYL-3-(1-METHYLPYRAZOL-4-YL)INDOL-5-YL]OXYPHENYL]PYRROLIDINE-2-CARBOXAMIDE
6 water water
#
_entity_poly.entity_id   1
_entity_poly.type   'polypeptide(L)'
_entity_poly.pdbx_seq_one_letter_code
;MPLELTQSRVQKIWVPVDHRPSLPRSCGPKLTNSPTVIVMVGLPARGKTYISKKLTRYLNWIGVPTKVFNVGEYRREAVK
QYSSYNFFRPDNEEAMKVRKQCALAALRDVKSYLAKEGGQIAVFDATNTTRERRHMILHFAKENDFKAFFIESVCDDPTV
VASNIMEVKISSPDYKDCNSAEAMDDFMKRISCYEASYQPLDPDKCDRDLSLIKVIDVGRRFLVNRVQDHIQSRIVYYLM
NIHVQPRTIYLCRHGENEHNLQGRIGGDSGLSSRGKKFASALSKFVEEQNLKDLRVWTSQLKSTIQTAEALRLPYEQWKA
LNEIDAGVCEELTYEEIRDTYPEEYALREQDKYYYRYPTGESYQDLVQRLEPVIMELERQENVLVICHQAVLRCLLAYFL
DKSAEEMPYLKCPLHTVLKLTPVAYGCRVESIYLNVESVCTHRERSEDAKKGPNPLMRRNSVTPLASPEPTKKPRINSFE
EHVASTSAALPSCLPPEVPTQLPGQNMKGSRSSADSSRKH
;
_entity_poly.pdbx_strand_id   A
#
# COMPACT_ATOMS: atom_id res chain seq x y z
N PRO A 2 -25.99 27.84 22.27
CA PRO A 2 -25.26 26.90 23.13
C PRO A 2 -25.20 25.50 22.52
N LEU A 3 -23.97 25.04 22.23
CA LEU A 3 -23.65 23.74 21.61
C LEU A 3 -24.29 23.60 20.20
N GLU A 4 -24.30 24.72 19.41
CA GLU A 4 -24.86 24.78 18.06
C GLU A 4 -23.90 24.19 17.03
N LEU A 5 -24.35 23.11 16.39
CA LEU A 5 -23.53 22.41 15.41
C LEU A 5 -24.15 22.41 14.02
N THR A 6 -23.32 22.21 13.02
CA THR A 6 -23.78 22.05 11.64
C THR A 6 -23.09 20.83 11.04
N GLN A 7 -23.82 20.11 10.19
CA GLN A 7 -23.25 18.92 9.57
C GLN A 7 -22.54 19.30 8.24
N SER A 8 -21.23 19.01 8.10
CA SER A 8 -20.50 19.34 6.85
C SER A 8 -21.18 18.62 5.66
N ARG A 9 -21.31 19.30 4.53
CA ARG A 9 -22.06 18.78 3.36
C ARG A 9 -21.47 17.53 2.73
N VAL A 10 -20.18 17.46 2.57
CA VAL A 10 -19.51 16.32 1.92
C VAL A 10 -19.34 15.12 2.88
N GLN A 11 -18.50 15.26 3.92
CA GLN A 11 -18.16 14.20 4.88
C GLN A 11 -19.22 13.91 5.94
N LYS A 12 -20.25 14.79 6.07
CA LYS A 12 -21.35 14.64 7.05
C LYS A 12 -20.85 14.69 8.50
N ILE A 13 -19.79 15.48 8.77
CA ILE A 13 -19.21 15.63 10.10
C ILE A 13 -19.85 16.80 10.85
N TRP A 14 -20.35 16.56 12.10
CA TRP A 14 -20.91 17.62 12.93
C TRP A 14 -19.78 18.50 13.46
N VAL A 15 -19.87 19.80 13.18
CA VAL A 15 -18.85 20.79 13.57
C VAL A 15 -19.54 22.02 14.20
N PRO A 16 -18.90 22.75 15.14
CA PRO A 16 -19.55 23.94 15.69
C PRO A 16 -19.80 24.98 14.58
N VAL A 17 -20.93 25.68 14.63
CA VAL A 17 -21.22 26.74 13.66
C VAL A 17 -20.07 27.76 13.78
N ASP A 18 -19.41 28.02 12.68
CA ASP A 18 -18.28 28.94 12.76
C ASP A 18 -18.70 30.31 12.26
N HIS A 19 -19.26 31.11 13.19
CA HIS A 19 -19.65 32.48 12.90
C HIS A 19 -18.38 33.27 13.10
N ARG A 20 -17.56 33.27 12.06
CA ARG A 20 -16.27 33.97 12.05
CA ARG A 20 -16.28 33.97 12.02
C ARG A 20 -16.46 35.45 12.33
N PRO A 21 -15.54 36.08 13.11
CA PRO A 21 -15.70 37.52 13.39
C PRO A 21 -15.42 38.37 12.12
N SER A 22 -15.43 39.69 12.27
CA SER A 22 -15.19 40.65 11.18
C SER A 22 -13.88 40.41 10.42
N LEU A 23 -12.81 39.99 11.14
CA LEU A 23 -11.50 39.69 10.58
C LEU A 23 -11.24 38.21 10.80
N PRO A 24 -11.72 37.33 9.86
CA PRO A 24 -11.51 35.88 10.03
C PRO A 24 -10.02 35.54 10.06
N ARG A 25 -9.60 34.76 11.06
CA ARG A 25 -8.21 34.32 11.24
C ARG A 25 -8.08 32.82 11.09
N SER A 26 -7.01 32.41 10.41
CA SER A 26 -6.67 31.02 10.21
C SER A 26 -5.52 30.69 11.18
N CYS A 27 -5.55 29.49 11.78
CA CYS A 27 -4.50 29.00 12.70
C CYS A 27 -3.62 28.04 11.86
N GLY A 28 -3.14 28.55 10.72
CA GLY A 28 -2.40 27.80 9.71
C GLY A 28 -1.00 27.35 10.04
N PRO A 29 -0.62 26.09 9.68
CA PRO A 29 -1.42 25.04 9.03
C PRO A 29 -2.15 24.09 9.98
N ASN A 33 0.45 15.13 15.19
CA ASN A 33 1.54 14.60 15.99
C ASN A 33 2.89 14.69 15.25
N SER A 34 4.01 14.73 15.99
CA SER A 34 5.38 14.85 15.46
C SER A 34 5.66 13.90 14.28
N PRO A 35 6.21 14.41 13.16
CA PRO A 35 6.49 13.50 12.03
C PRO A 35 7.61 12.50 12.36
N THR A 36 7.68 11.40 11.63
CA THR A 36 8.70 10.36 11.88
C THR A 36 9.59 10.12 10.66
N VAL A 37 10.88 9.96 10.94
CA VAL A 37 11.85 9.54 9.93
C VAL A 37 12.10 8.05 10.21
N ILE A 38 11.73 7.19 9.26
CA ILE A 38 12.05 5.77 9.35
C ILE A 38 13.43 5.62 8.70
N VAL A 39 14.41 5.17 9.47
CA VAL A 39 15.78 5.01 8.96
C VAL A 39 16.03 3.54 8.59
N MET A 40 16.21 3.24 7.29
CA MET A 40 16.54 1.86 6.89
C MET A 40 18.01 1.62 7.22
N VAL A 41 18.38 0.39 7.64
CA VAL A 41 19.79 0.07 7.98
C VAL A 41 20.16 -1.30 7.44
N GLY A 42 21.35 -1.42 6.86
CA GLY A 42 21.85 -2.72 6.45
C GLY A 42 22.63 -2.77 5.16
N LEU A 43 23.31 -3.89 4.95
CA LEU A 43 24.10 -4.13 3.75
C LEU A 43 23.23 -4.12 2.49
N PRO A 44 23.79 -3.88 1.27
CA PRO A 44 22.96 -3.98 0.06
C PRO A 44 22.42 -5.41 -0.10
N ALA A 45 21.26 -5.56 -0.80
CA ALA A 45 20.57 -6.84 -1.06
C ALA A 45 19.94 -7.46 0.20
N ARG A 46 19.59 -6.62 1.18
CA ARG A 46 18.96 -7.08 2.41
C ARG A 46 17.44 -6.77 2.42
N GLY A 47 16.90 -6.46 1.25
CA GLY A 47 15.48 -6.16 1.12
C GLY A 47 15.04 -4.83 1.71
N LYS A 48 15.97 -3.84 1.89
CA LYS A 48 15.60 -2.54 2.48
C LYS A 48 14.65 -1.75 1.58
N THR A 49 14.89 -1.75 0.25
CA THR A 49 14.02 -1.06 -0.71
C THR A 49 12.66 -1.80 -0.78
N TYR A 50 12.66 -3.15 -0.76
CA TYR A 50 11.39 -3.90 -0.75
C TYR A 50 10.55 -3.50 0.47
N ILE A 51 11.18 -3.47 1.66
CA ILE A 51 10.48 -3.04 2.91
C ILE A 51 9.99 -1.58 2.79
N SER A 52 10.87 -0.67 2.30
CA SER A 52 10.54 0.76 2.15
C SER A 52 9.30 0.95 1.28
N LYS A 53 9.25 0.27 0.15
CA LYS A 53 8.15 0.41 -0.81
C LYS A 53 6.86 -0.21 -0.28
N LYS A 54 6.95 -1.40 0.38
CA LYS A 54 5.79 -2.05 0.97
C LYS A 54 5.17 -1.24 2.10
N LEU A 55 5.99 -0.79 3.07
CA LEU A 55 5.52 0.04 4.16
C LEU A 55 4.86 1.33 3.65
N THR A 56 5.46 2.00 2.64
CA THR A 56 4.94 3.24 2.09
C THR A 56 3.56 3.01 1.43
N ARG A 57 3.41 1.91 0.71
CA ARG A 57 2.16 1.55 0.04
C ARG A 57 1.04 1.34 1.10
N TYR A 58 1.34 0.62 2.19
CA TYR A 58 0.40 0.35 3.29
C TYR A 58 0.05 1.66 4.03
N LEU A 59 1.09 2.43 4.44
CA LEU A 59 0.88 3.68 5.19
C LEU A 59 0.07 4.73 4.39
N ASN A 60 0.36 4.92 3.08
CA ASN A 60 -0.46 5.85 2.29
C ASN A 60 -1.91 5.37 2.17
N TRP A 61 -2.10 4.06 1.91
CA TRP A 61 -3.45 3.49 1.75
C TRP A 61 -4.31 3.68 3.01
N ILE A 62 -3.74 3.49 4.22
CA ILE A 62 -4.53 3.71 5.47
C ILE A 62 -4.73 5.19 5.77
N GLY A 63 -4.08 6.07 4.99
CA GLY A 63 -4.23 7.52 5.13
C GLY A 63 -3.15 8.26 5.89
N VAL A 64 -1.93 7.68 6.00
CA VAL A 64 -0.81 8.35 6.67
C VAL A 64 0.17 8.78 5.53
N PRO A 65 0.25 10.10 5.19
CA PRO A 65 1.12 10.54 4.07
C PRO A 65 2.58 10.16 4.27
N THR A 66 3.09 9.31 3.36
CA THR A 66 4.42 8.71 3.45
C THR A 66 5.13 8.81 2.11
N LYS A 67 6.45 9.02 2.17
CA LYS A 67 7.27 9.09 0.99
C LYS A 67 8.66 8.48 1.25
N VAL A 68 9.19 7.79 0.26
CA VAL A 68 10.53 7.18 0.32
C VAL A 68 11.54 8.16 -0.30
N PHE A 69 12.70 8.30 0.35
CA PHE A 69 13.84 9.12 -0.09
C PHE A 69 15.01 8.13 -0.21
N ASN A 70 15.29 7.68 -1.45
CA ASN A 70 16.34 6.69 -1.75
C ASN A 70 17.63 7.39 -2.18
N VAL A 71 18.69 7.29 -1.35
CA VAL A 71 19.98 7.96 -1.60
C VAL A 71 20.60 7.55 -2.97
N GLY A 72 20.45 6.28 -3.36
CA GLY A 72 20.95 5.80 -4.66
C GLY A 72 20.36 6.56 -5.84
N GLU A 73 19.08 7.01 -5.73
CA GLU A 73 18.39 7.80 -6.76
C GLU A 73 18.98 9.19 -6.87
N TYR A 74 19.37 9.79 -5.72
CA TYR A 74 20.05 11.09 -5.70
C TYR A 74 21.42 10.93 -6.34
N ARG A 75 22.09 9.80 -6.07
CA ARG A 75 23.40 9.51 -6.62
C ARG A 75 23.36 9.39 -8.15
N ARG A 76 22.36 8.67 -8.69
CA ARG A 76 22.17 8.48 -10.13
C ARG A 76 21.92 9.79 -10.85
N GLU A 77 21.31 10.76 -10.16
CA GLU A 77 21.05 12.10 -10.68
C GLU A 77 22.34 12.92 -10.68
N ALA A 78 23.18 12.77 -9.63
CA ALA A 78 24.41 13.55 -9.51
C ALA A 78 25.56 13.04 -10.38
N VAL A 79 25.55 11.73 -10.68
CA VAL A 79 26.57 11.02 -11.45
C VAL A 79 25.85 10.34 -12.63
N LYS A 80 26.07 10.87 -13.85
CA LYS A 80 25.44 10.46 -15.11
C LYS A 80 25.39 8.94 -15.35
N GLN A 81 26.54 8.24 -15.39
CA GLN A 81 26.51 6.80 -15.64
C GLN A 81 27.39 5.97 -14.71
N TYR A 82 26.83 4.86 -14.23
CA TYR A 82 27.49 3.89 -13.35
C TYR A 82 28.38 2.98 -14.17
N SER A 83 29.66 2.92 -13.80
CA SER A 83 30.59 2.04 -14.49
C SER A 83 30.81 0.73 -13.73
N SER A 84 31.08 0.80 -12.39
CA SER A 84 31.35 -0.39 -11.58
C SER A 84 31.36 -0.15 -10.06
N TYR A 85 31.59 -1.25 -9.30
CA TYR A 85 31.70 -1.27 -7.83
C TYR A 85 32.86 -0.37 -7.36
N ASN A 86 33.83 -0.04 -8.25
CA ASN A 86 34.96 0.86 -7.95
C ASN A 86 34.47 2.21 -7.40
N PHE A 87 33.26 2.63 -7.81
CA PHE A 87 32.62 3.84 -7.30
C PHE A 87 32.35 3.73 -5.77
N PHE A 88 32.06 2.51 -5.28
CA PHE A 88 31.75 2.26 -3.86
C PHE A 88 32.97 1.85 -3.01
N ARG A 89 34.17 1.90 -3.57
CA ARG A 89 35.37 1.56 -2.80
C ARG A 89 35.55 2.51 -1.59
N PRO A 90 35.85 2.00 -0.38
CA PRO A 90 36.10 2.94 0.75
C PRO A 90 37.32 3.83 0.55
N ASP A 91 38.27 3.48 -0.37
CA ASP A 91 39.41 4.36 -0.66
C ASP A 91 39.12 5.39 -1.79
N ASN A 92 37.88 5.40 -2.34
CA ASN A 92 37.50 6.33 -3.40
C ASN A 92 37.12 7.66 -2.71
N GLU A 93 38.10 8.53 -2.44
CA GLU A 93 37.91 9.80 -1.73
C GLU A 93 36.83 10.68 -2.38
N GLU A 94 36.87 10.82 -3.72
CA GLU A 94 35.92 11.63 -4.50
C GLU A 94 34.49 11.09 -4.38
N ALA A 95 34.28 9.78 -4.67
CA ALA A 95 32.95 9.19 -4.60
C ALA A 95 32.40 9.19 -3.19
N MET A 96 33.26 9.03 -2.15
CA MET A 96 32.80 9.06 -0.73
C MET A 96 32.16 10.43 -0.43
N LYS A 97 32.77 11.51 -0.95
CA LYS A 97 32.31 12.89 -0.81
C LYS A 97 30.97 13.08 -1.53
N VAL A 98 30.86 12.63 -2.80
CA VAL A 98 29.65 12.71 -3.63
C VAL A 98 28.52 11.95 -2.91
N ARG A 99 28.79 10.72 -2.44
CA ARG A 99 27.79 9.90 -1.72
C ARG A 99 27.27 10.59 -0.46
N LYS A 100 28.15 11.24 0.31
CA LYS A 100 27.75 12.00 1.51
C LYS A 100 26.86 13.20 1.10
N GLN A 101 27.27 13.96 0.04
CA GLN A 101 26.48 15.09 -0.49
C GLN A 101 25.07 14.64 -0.88
N CYS A 102 24.96 13.46 -1.53
CA CYS A 102 23.64 12.89 -1.89
C CYS A 102 22.79 12.57 -0.69
N ALA A 103 23.40 12.03 0.39
CA ALA A 103 22.65 11.71 1.62
C ALA A 103 22.16 13.01 2.28
N LEU A 104 23.02 14.06 2.33
CA LEU A 104 22.63 15.38 2.88
C LEU A 104 21.50 16.04 2.05
N ALA A 105 21.53 15.92 0.71
CA ALA A 105 20.51 16.44 -0.22
C ALA A 105 19.16 15.72 0.02
N ALA A 106 19.20 14.39 0.20
CA ALA A 106 17.98 13.62 0.48
C ALA A 106 17.39 14.06 1.83
N LEU A 107 18.23 14.31 2.83
CA LEU A 107 17.79 14.78 4.15
C LEU A 107 17.17 16.19 4.08
N ARG A 108 17.72 17.07 3.22
CA ARG A 108 17.14 18.40 2.99
C ARG A 108 15.71 18.21 2.46
N ASP A 109 15.49 17.24 1.55
CA ASP A 109 14.15 16.94 1.02
C ASP A 109 13.23 16.29 2.03
N VAL A 110 13.77 15.47 2.97
CA VAL A 110 13.02 14.88 4.07
C VAL A 110 12.44 16.04 4.96
N LYS A 111 13.30 17.02 5.29
CA LYS A 111 12.94 18.21 6.10
C LYS A 111 11.79 19.00 5.43
N SER A 112 11.94 19.30 4.14
CA SER A 112 10.92 20.03 3.37
C SER A 112 9.58 19.22 3.34
N TYR A 113 9.68 17.89 3.13
CA TYR A 113 8.51 17.02 3.07
C TYR A 113 7.72 17.00 4.38
N LEU A 114 8.40 16.76 5.51
CA LEU A 114 7.78 16.66 6.83
C LEU A 114 7.42 18.01 7.46
N ALA A 115 8.28 19.02 7.31
CA ALA A 115 8.04 20.33 7.93
C ALA A 115 7.20 21.29 7.10
N LYS A 116 7.13 21.12 5.76
CA LYS A 116 6.41 22.06 4.89
C LYS A 116 5.39 21.47 3.92
N GLU A 117 5.50 20.19 3.55
CA GLU A 117 4.59 19.68 2.52
C GLU A 117 3.43 18.85 3.08
N GLY A 118 3.29 18.80 4.39
CA GLY A 118 2.25 18.00 5.03
C GLY A 118 2.53 16.50 5.11
N GLY A 119 3.81 16.11 4.96
CA GLY A 119 4.16 14.69 5.09
C GLY A 119 4.17 14.25 6.52
N GLN A 120 3.84 12.97 6.79
CA GLN A 120 3.85 12.50 8.17
C GLN A 120 5.00 11.54 8.42
N ILE A 121 5.34 10.72 7.40
CA ILE A 121 6.42 9.73 7.53
C ILE A 121 7.35 9.81 6.34
N ALA A 122 8.66 9.91 6.60
CA ALA A 122 9.66 9.90 5.54
C ALA A 122 10.49 8.63 5.75
N VAL A 123 10.63 7.81 4.69
CA VAL A 123 11.43 6.59 4.77
C VAL A 123 12.79 6.89 4.12
N PHE A 124 13.84 6.88 4.93
CA PHE A 124 15.20 7.19 4.48
C PHE A 124 15.89 5.87 4.11
N ASP A 125 15.78 5.54 2.81
CA ASP A 125 16.24 4.28 2.23
C ASP A 125 17.71 4.37 1.73
N ALA A 126 18.63 3.96 2.60
CA ALA A 126 20.08 3.93 2.35
C ALA A 126 20.66 2.86 3.26
N THR A 127 21.97 2.58 3.11
CA THR A 127 22.63 1.56 3.92
C THR A 127 22.71 1.98 5.38
N ASN A 128 23.11 3.24 5.66
CA ASN A 128 23.21 3.81 7.02
C ASN A 128 23.91 2.82 7.98
N THR A 129 24.98 2.19 7.48
CA THR A 129 25.70 1.06 8.10
C THR A 129 26.73 1.44 9.17
N THR A 130 27.07 2.72 9.30
CA THR A 130 28.03 3.16 10.32
C THR A 130 27.33 3.95 11.40
N ARG A 131 27.91 3.93 12.61
CA ARG A 131 27.41 4.69 13.76
C ARG A 131 27.50 6.19 13.48
N GLU A 132 28.56 6.63 12.77
CA GLU A 132 28.76 8.04 12.38
C GLU A 132 27.57 8.55 11.55
N ARG A 133 27.18 7.81 10.49
CA ARG A 133 26.04 8.20 9.64
C ARG A 133 24.74 8.25 10.45
N ARG A 134 24.49 7.25 11.29
CA ARG A 134 23.26 7.19 12.11
C ARG A 134 23.23 8.31 13.17
N HIS A 135 24.39 8.67 13.76
CA HIS A 135 24.47 9.77 14.74
C HIS A 135 24.10 11.09 14.07
N MET A 136 24.57 11.27 12.83
CA MET A 136 24.28 12.43 12.00
C MET A 136 22.75 12.49 11.68
N ILE A 137 22.12 11.35 11.36
CA ILE A 137 20.68 11.30 11.09
C ILE A 137 19.90 11.63 12.37
N LEU A 138 20.35 11.10 13.53
CA LEU A 138 19.71 11.39 14.82
C LEU A 138 19.79 12.88 15.17
N HIS A 139 20.92 13.55 14.83
CA HIS A 139 21.11 14.99 15.06
C HIS A 139 20.11 15.78 14.19
N PHE A 140 19.99 15.40 12.90
CA PHE A 140 19.05 16.01 11.96
C PHE A 140 17.59 15.88 12.49
N ALA A 141 17.20 14.68 12.98
CA ALA A 141 15.85 14.45 13.52
C ALA A 141 15.62 15.29 14.80
N LYS A 142 16.60 15.28 15.73
CA LYS A 142 16.53 16.00 17.01
C LYS A 142 16.39 17.51 16.79
N GLU A 143 17.18 18.09 15.87
CA GLU A 143 17.12 19.51 15.60
C GLU A 143 15.80 19.94 14.88
N ASN A 144 15.15 19.03 14.14
CA ASN A 144 13.89 19.33 13.45
C ASN A 144 12.63 18.88 14.18
N ASP A 145 12.75 18.31 15.40
CA ASP A 145 11.62 17.76 16.18
C ASP A 145 10.88 16.61 15.45
N PHE A 146 11.67 15.71 14.83
CA PHE A 146 11.13 14.53 14.17
C PHE A 146 11.48 13.33 15.04
N LYS A 147 10.64 12.31 15.03
CA LYS A 147 10.98 11.08 15.74
C LYS A 147 11.83 10.28 14.75
N ALA A 148 12.67 9.38 15.27
CA ALA A 148 13.51 8.49 14.47
C ALA A 148 13.19 7.04 14.87
N PHE A 149 12.89 6.20 13.87
CA PHE A 149 12.59 4.78 14.06
C PHE A 149 13.46 4.01 13.08
N PHE A 150 14.32 3.12 13.56
CA PHE A 150 15.25 2.38 12.70
C PHE A 150 14.75 1.02 12.34
N ILE A 151 14.89 0.64 11.08
CA ILE A 151 14.50 -0.68 10.60
C ILE A 151 15.74 -1.29 9.96
N GLU A 152 16.34 -2.26 10.65
CA GLU A 152 17.54 -2.91 10.12
C GLU A 152 17.17 -4.29 9.62
N SER A 153 17.70 -4.67 8.45
CA SER A 153 17.50 -6.01 7.92
C SER A 153 18.89 -6.68 7.89
N VAL A 154 19.04 -7.79 8.64
CA VAL A 154 20.28 -8.57 8.81
C VAL A 154 20.01 -9.94 8.21
N CYS A 155 20.88 -10.37 7.30
CA CYS A 155 20.71 -11.66 6.63
C CYS A 155 22.07 -12.21 6.22
N ASP A 156 22.31 -13.52 6.39
CA ASP A 156 23.58 -14.12 5.98
C ASP A 156 23.64 -14.26 4.45
N ASP A 157 24.85 -14.38 3.87
CA ASP A 157 25.05 -14.49 2.42
C ASP A 157 24.28 -15.64 1.75
N PRO A 158 24.30 -16.92 2.24
CA PRO A 158 23.51 -17.97 1.55
C PRO A 158 22.02 -17.65 1.48
N THR A 159 21.43 -17.10 2.57
CA THR A 159 20.00 -16.75 2.61
C THR A 159 19.70 -15.63 1.58
N VAL A 160 20.60 -14.62 1.46
CA VAL A 160 20.43 -13.54 0.47
C VAL A 160 20.40 -14.16 -0.96
N VAL A 161 21.39 -15.01 -1.27
CA VAL A 161 21.55 -15.68 -2.58
C VAL A 161 20.30 -16.54 -2.88
N ALA A 162 19.85 -17.34 -1.91
CA ALA A 162 18.65 -18.17 -2.06
C ALA A 162 17.35 -17.36 -2.25
N SER A 163 17.25 -16.14 -1.65
CA SER A 163 16.07 -15.27 -1.72
C SER A 163 15.76 -14.72 -3.11
N ASN A 164 16.79 -14.64 -3.99
CA ASN A 164 16.73 -14.12 -5.36
C ASN A 164 16.47 -12.59 -5.46
N ILE A 165 16.71 -11.85 -4.35
CA ILE A 165 16.60 -10.37 -4.32
C ILE A 165 17.61 -9.69 -5.30
N MET A 166 18.78 -10.32 -5.51
CA MET A 166 19.81 -9.72 -6.37
C MET A 166 19.39 -9.63 -7.84
N GLU A 167 18.42 -10.47 -8.27
CA GLU A 167 17.83 -10.39 -9.62
C GLU A 167 17.01 -9.08 -9.75
N VAL A 168 16.39 -8.62 -8.64
CA VAL A 168 15.65 -7.35 -8.61
C VAL A 168 16.65 -6.18 -8.60
N LYS A 169 17.72 -6.34 -7.79
CA LYS A 169 18.78 -5.34 -7.63
C LYS A 169 19.50 -5.09 -8.95
N ILE A 170 19.82 -6.14 -9.73
CA ILE A 170 20.52 -5.96 -11.01
C ILE A 170 19.60 -5.44 -12.15
N SER A 171 18.29 -5.24 -11.87
CA SER A 171 17.33 -4.70 -12.86
C SER A 171 17.31 -3.16 -12.79
N SER A 172 18.21 -2.59 -11.96
CA SER A 172 18.38 -1.16 -11.74
C SER A 172 18.93 -0.47 -13.00
N PRO A 173 18.64 0.84 -13.22
CA PRO A 173 19.24 1.54 -14.38
C PRO A 173 20.77 1.58 -14.38
N ASP A 174 21.41 1.25 -13.21
CA ASP A 174 22.88 1.18 -13.06
C ASP A 174 23.45 0.10 -13.98
N TYR A 175 22.66 -0.95 -14.23
CA TYR A 175 23.05 -2.10 -15.04
C TYR A 175 22.35 -2.18 -16.41
N LYS A 176 21.91 -1.01 -16.93
CA LYS A 176 21.24 -0.87 -18.24
C LYS A 176 22.10 -1.44 -19.39
N ASP A 177 23.42 -1.14 -19.37
CA ASP A 177 24.38 -1.60 -20.39
C ASP A 177 25.18 -2.85 -19.96
N CYS A 178 24.54 -3.73 -19.16
CA CYS A 178 25.19 -4.97 -18.68
C CYS A 178 24.34 -6.19 -18.96
N ASN A 179 25.00 -7.35 -19.11
CA ASN A 179 24.31 -8.64 -19.21
C ASN A 179 24.10 -9.09 -17.75
N SER A 180 23.18 -10.02 -17.51
CA SER A 180 22.85 -10.51 -16.17
C SER A 180 24.04 -11.00 -15.34
N ALA A 181 24.93 -11.84 -15.91
CA ALA A 181 26.08 -12.39 -15.20
C ALA A 181 27.10 -11.36 -14.71
N GLU A 182 27.43 -10.35 -15.53
CA GLU A 182 28.41 -9.33 -15.14
C GLU A 182 27.83 -8.33 -14.14
N ALA A 183 26.53 -8.00 -14.27
CA ALA A 183 25.82 -7.12 -13.33
C ALA A 183 25.80 -7.80 -11.94
N MET A 184 25.53 -9.12 -11.92
CA MET A 184 25.51 -9.95 -10.70
C MET A 184 26.91 -9.96 -10.05
N ASP A 185 27.96 -10.16 -10.86
CA ASP A 185 29.33 -10.16 -10.39
C ASP A 185 29.72 -8.81 -9.78
N ASP A 186 29.35 -7.70 -10.45
CA ASP A 186 29.61 -6.34 -9.98
C ASP A 186 28.87 -6.04 -8.66
N PHE A 187 27.56 -6.40 -8.57
CA PHE A 187 26.76 -6.20 -7.36
C PHE A 187 27.36 -6.93 -6.13
N MET A 188 27.86 -8.17 -6.32
CA MET A 188 28.51 -8.98 -5.29
C MET A 188 29.72 -8.23 -4.73
N LYS A 189 30.52 -7.62 -5.62
CA LYS A 189 31.72 -6.86 -5.27
C LYS A 189 31.32 -5.56 -4.54
N ARG A 190 30.19 -4.99 -4.93
CA ARG A 190 29.63 -3.81 -4.31
C ARG A 190 29.30 -4.07 -2.82
N ILE A 191 28.63 -5.20 -2.52
CA ILE A 191 28.28 -5.59 -1.15
C ILE A 191 29.56 -5.66 -0.28
N SER A 192 30.62 -6.30 -0.82
CA SER A 192 31.89 -6.48 -0.11
C SER A 192 32.53 -5.13 0.32
N CYS A 193 32.30 -4.05 -0.47
CA CYS A 193 32.73 -2.67 -0.17
C CYS A 193 32.18 -2.15 1.16
N TYR A 194 30.97 -2.59 1.56
CA TYR A 194 30.31 -2.13 2.79
C TYR A 194 30.60 -2.96 4.06
N GLU A 195 31.15 -4.16 3.91
CA GLU A 195 31.33 -5.09 5.02
C GLU A 195 32.27 -4.65 6.13
N ALA A 196 33.46 -4.11 5.81
CA ALA A 196 34.46 -3.70 6.82
C ALA A 196 33.98 -2.61 7.77
N SER A 197 33.20 -1.62 7.27
CA SER A 197 32.76 -0.51 8.11
C SER A 197 31.37 -0.69 8.74
N TYR A 198 30.66 -1.77 8.40
CA TYR A 198 29.31 -2.06 8.91
C TYR A 198 29.32 -2.33 10.42
N GLN A 199 28.63 -1.45 11.16
CA GLN A 199 28.40 -1.52 12.61
C GLN A 199 26.90 -1.80 12.81
N PRO A 200 26.49 -3.07 13.03
CA PRO A 200 25.06 -3.36 13.19
C PRO A 200 24.43 -2.65 14.40
N LEU A 201 23.08 -2.48 14.41
CA LEU A 201 22.43 -1.85 15.57
C LEU A 201 22.68 -2.76 16.79
N ASP A 202 23.00 -2.16 17.92
CA ASP A 202 23.33 -2.88 19.15
C ASP A 202 22.43 -2.41 20.30
N PRO A 203 21.20 -2.96 20.40
CA PRO A 203 20.31 -2.52 21.49
C PRO A 203 20.79 -2.86 22.91
N ASP A 204 21.75 -3.80 23.07
CA ASP A 204 22.30 -4.19 24.37
C ASP A 204 23.13 -3.06 24.98
N LYS A 205 23.86 -2.32 24.14
CA LYS A 205 24.73 -1.28 24.64
C LYS A 205 24.56 0.07 23.95
N CYS A 206 25.30 0.30 22.86
CA CYS A 206 25.36 1.56 22.14
C CYS A 206 24.00 2.10 21.65
N ASP A 207 23.06 1.23 21.22
CA ASP A 207 21.75 1.68 20.71
C ASP A 207 20.59 1.36 21.66
N ARG A 208 20.86 1.24 22.98
CA ARG A 208 19.82 0.89 23.96
C ARG A 208 18.69 1.91 24.04
N ASP A 209 18.95 3.20 23.74
CA ASP A 209 17.90 4.21 23.83
C ASP A 209 17.18 4.48 22.50
N LEU A 210 17.54 3.76 21.43
CA LEU A 210 16.88 3.97 20.12
C LEU A 210 15.67 3.07 19.93
N SER A 211 14.64 3.60 19.23
CA SER A 211 13.43 2.88 18.84
C SER A 211 13.79 2.17 17.54
N LEU A 212 13.70 0.84 17.55
CA LEU A 212 14.15 0.06 16.40
C LEU A 212 13.54 -1.32 16.32
N ILE A 213 13.61 -1.89 15.12
CA ILE A 213 13.30 -3.28 14.79
C ILE A 213 14.45 -3.85 13.95
N LYS A 214 14.97 -5.03 14.32
CA LYS A 214 15.92 -5.76 13.50
C LYS A 214 15.11 -6.90 12.91
N VAL A 215 15.07 -6.99 11.58
CA VAL A 215 14.39 -8.06 10.84
C VAL A 215 15.56 -9.01 10.52
N ILE A 216 15.52 -10.22 11.07
CA ILE A 216 16.62 -11.19 10.91
C ILE A 216 16.24 -12.33 9.96
N ASP A 217 17.11 -12.61 8.99
CA ASP A 217 17.01 -13.71 8.02
C ASP A 217 15.63 -13.81 7.35
N VAL A 218 15.20 -12.69 6.72
CA VAL A 218 13.95 -12.61 5.95
C VAL A 218 12.72 -12.94 6.85
N GLY A 219 12.70 -12.38 8.06
CA GLY A 219 11.58 -12.49 8.99
C GLY A 219 11.52 -13.73 9.86
N ARG A 220 12.60 -14.51 9.94
CA ARG A 220 12.59 -15.69 10.80
C ARG A 220 12.58 -15.27 12.28
N ARG A 221 13.20 -14.12 12.57
CA ARG A 221 13.31 -13.54 13.91
C ARG A 221 13.30 -12.01 13.87
N PHE A 222 12.87 -11.37 14.97
CA PHE A 222 12.80 -9.91 15.13
C PHE A 222 13.27 -9.51 16.50
N LEU A 223 13.97 -8.39 16.57
CA LEU A 223 14.38 -7.79 17.84
C LEU A 223 13.70 -6.43 17.81
N VAL A 224 12.89 -6.10 18.84
CA VAL A 224 12.12 -4.85 18.90
C VAL A 224 12.55 -4.09 20.14
N ASN A 225 13.05 -2.85 19.96
CA ASN A 225 13.52 -2.08 21.09
C ASN A 225 12.78 -0.76 21.19
N ARG A 226 12.27 -0.43 22.41
CA ARG A 226 11.61 0.84 22.74
C ARG A 226 10.54 1.31 21.75
N VAL A 227 9.46 0.52 21.55
CA VAL A 227 8.32 0.96 20.72
C VAL A 227 7.66 2.16 21.41
N GLN A 228 7.68 3.33 20.77
CA GLN A 228 7.24 4.61 21.32
C GLN A 228 5.76 4.94 21.12
N ASP A 229 5.19 4.58 19.96
CA ASP A 229 3.84 5.03 19.62
C ASP A 229 3.05 4.02 18.80
N HIS A 230 1.80 4.36 18.42
CA HIS A 230 0.99 3.41 17.66
C HIS A 230 1.52 3.11 16.26
N ILE A 231 2.12 4.10 15.56
CA ILE A 231 2.56 3.77 14.20
C ILE A 231 3.75 2.78 14.21
N GLN A 232 4.64 2.86 15.22
CA GLN A 232 5.77 1.91 15.34
C GLN A 232 5.24 0.51 15.65
N SER A 233 4.27 0.40 16.58
CA SER A 233 3.65 -0.87 16.94
C SER A 233 2.95 -1.46 15.69
N ARG A 234 2.21 -0.62 14.94
CA ARG A 234 1.52 -1.06 13.73
C ARG A 234 2.48 -1.57 12.63
N ILE A 235 3.64 -0.89 12.47
CA ILE A 235 4.65 -1.29 11.48
C ILE A 235 5.21 -2.66 11.86
N VAL A 236 5.49 -2.88 13.15
CA VAL A 236 5.98 -4.18 13.63
C VAL A 236 4.93 -5.27 13.29
N TYR A 237 3.65 -5.00 13.60
CA TYR A 237 2.56 -5.95 13.30
C TYR A 237 2.48 -6.24 11.79
N TYR A 238 2.56 -5.18 10.94
CA TYR A 238 2.57 -5.34 9.48
C TYR A 238 3.77 -6.23 9.02
N LEU A 239 4.98 -5.96 9.55
CA LEU A 239 6.18 -6.74 9.19
C LEU A 239 6.08 -8.21 9.58
N MET A 240 5.31 -8.48 10.66
CA MET A 240 5.10 -9.86 11.07
C MET A 240 4.04 -10.57 10.21
N ASN A 241 3.20 -9.81 9.47
CA ASN A 241 2.16 -10.40 8.62
C ASN A 241 2.56 -10.60 7.15
N ILE A 242 3.43 -9.74 6.61
CA ILE A 242 3.87 -9.87 5.21
C ILE A 242 4.86 -11.06 5.08
N HIS A 243 5.11 -11.53 3.85
CA HIS A 243 6.02 -12.63 3.57
C HIS A 243 6.44 -12.55 2.10
N VAL A 244 7.47 -13.29 1.73
CA VAL A 244 7.98 -13.25 0.36
C VAL A 244 7.72 -14.57 -0.41
N GLN A 245 6.87 -15.47 0.13
CA GLN A 245 6.56 -16.74 -0.53
C GLN A 245 5.75 -16.50 -1.81
N PRO A 246 5.93 -17.31 -2.88
CA PRO A 246 5.15 -17.06 -4.10
C PRO A 246 3.69 -17.45 -3.92
N ARG A 247 2.78 -16.68 -4.54
CA ARG A 247 1.34 -16.94 -4.45
C ARG A 247 0.56 -16.10 -5.47
N THR A 248 -0.77 -16.31 -5.55
CA THR A 248 -1.64 -15.53 -6.44
C THR A 248 -2.87 -15.00 -5.71
N ILE A 249 -3.24 -13.75 -5.99
CA ILE A 249 -4.46 -13.17 -5.47
C ILE A 249 -5.45 -12.99 -6.63
N TYR A 250 -6.65 -13.57 -6.51
CA TYR A 250 -7.70 -13.36 -7.53
C TYR A 250 -8.78 -12.48 -6.93
N LEU A 251 -9.17 -11.43 -7.67
CA LEU A 251 -10.24 -10.52 -7.22
C LEU A 251 -11.34 -10.47 -8.28
N CYS A 252 -12.60 -10.60 -7.86
CA CYS A 252 -13.72 -10.47 -8.81
C CYS A 252 -14.94 -10.02 -8.05
N ARG A 253 -15.94 -9.57 -8.80
CA ARG A 253 -17.21 -9.20 -8.16
C ARG A 253 -18.11 -10.44 -8.22
N HIS A 254 -19.21 -10.41 -7.46
CA HIS A 254 -20.29 -11.39 -7.54
C HIS A 254 -20.75 -11.41 -9.04
N GLY A 255 -21.40 -12.49 -9.45
CA GLY A 255 -22.00 -12.52 -10.78
C GLY A 255 -23.09 -11.47 -10.83
N GLU A 256 -23.46 -10.99 -12.03
CA GLU A 256 -24.52 -9.99 -12.22
C GLU A 256 -25.76 -10.35 -11.35
N ASN A 257 -26.32 -9.36 -10.65
CA ASN A 257 -27.49 -9.60 -9.80
C ASN A 257 -28.73 -8.90 -10.34
N GLU A 258 -29.89 -9.08 -9.68
CA GLU A 258 -31.14 -8.48 -10.16
C GLU A 258 -31.15 -6.95 -10.03
N HIS A 259 -30.47 -6.38 -8.99
CA HIS A 259 -30.37 -4.93 -8.84
C HIS A 259 -29.52 -4.34 -9.97
N ASN A 260 -28.45 -5.07 -10.40
CA ASN A 260 -27.60 -4.60 -11.51
C ASN A 260 -28.44 -4.42 -12.78
N LEU A 261 -29.37 -5.37 -13.07
CA LEU A 261 -30.24 -5.30 -14.24
C LEU A 261 -31.16 -4.06 -14.18
N GLN A 262 -31.58 -3.64 -12.97
CA GLN A 262 -32.46 -2.48 -12.82
C GLN A 262 -31.71 -1.16 -12.64
N GLY A 263 -30.37 -1.22 -12.64
CA GLY A 263 -29.53 -0.05 -12.39
C GLY A 263 -29.65 0.44 -10.96
N ARG A 264 -29.99 -0.45 -10.01
CA ARG A 264 -30.18 -0.11 -8.60
C ARG A 264 -28.93 -0.34 -7.77
N ILE A 265 -28.63 0.60 -6.86
CA ILE A 265 -27.43 0.52 -6.01
C ILE A 265 -27.70 -0.17 -4.68
N GLY A 266 -26.67 -0.76 -4.11
CA GLY A 266 -26.77 -1.46 -2.83
C GLY A 266 -27.75 -2.62 -2.86
N GLY A 267 -28.42 -2.81 -1.73
CA GLY A 267 -29.40 -3.87 -1.55
C GLY A 267 -28.73 -5.22 -1.33
N ASP A 268 -29.55 -6.26 -1.33
CA ASP A 268 -29.08 -7.63 -1.12
C ASP A 268 -29.77 -8.58 -2.09
N SER A 269 -29.82 -8.22 -3.38
CA SER A 269 -30.48 -9.04 -4.41
C SER A 269 -29.62 -10.27 -4.79
N GLY A 270 -30.29 -11.28 -5.39
CA GLY A 270 -29.65 -12.51 -5.85
C GLY A 270 -29.17 -12.42 -7.29
N LEU A 271 -28.40 -13.43 -7.73
CA LEU A 271 -27.86 -13.50 -9.09
C LEU A 271 -28.96 -13.55 -10.15
N SER A 272 -28.70 -12.91 -11.30
CA SER A 272 -29.60 -12.99 -12.45
C SER A 272 -29.21 -14.30 -13.18
N SER A 273 -29.90 -14.67 -14.27
CA SER A 273 -29.53 -15.87 -15.05
C SER A 273 -28.08 -15.77 -15.59
N ARG A 274 -27.63 -14.57 -16.03
CA ARG A 274 -26.24 -14.34 -16.49
C ARG A 274 -25.25 -14.46 -15.33
N GLY A 275 -25.59 -13.90 -14.17
CA GLY A 275 -24.76 -13.98 -12.95
C GLY A 275 -24.51 -15.44 -12.55
N LYS A 276 -25.54 -16.31 -12.71
CA LYS A 276 -25.43 -17.76 -12.44
C LYS A 276 -24.51 -18.44 -13.48
N LYS A 277 -24.57 -18.01 -14.75
CA LYS A 277 -23.70 -18.50 -15.82
C LYS A 277 -22.25 -18.11 -15.50
N PHE A 278 -22.02 -16.85 -15.02
CA PHE A 278 -20.67 -16.42 -14.64
C PHE A 278 -20.17 -17.27 -13.47
N ALA A 279 -21.03 -17.57 -12.48
CA ALA A 279 -20.62 -18.37 -11.32
C ALA A 279 -20.13 -19.75 -11.78
N SER A 280 -20.80 -20.37 -12.78
CA SER A 280 -20.37 -21.64 -13.38
C SER A 280 -19.04 -21.45 -14.11
N ALA A 281 -18.92 -20.37 -14.93
CA ALA A 281 -17.68 -20.09 -15.66
C ALA A 281 -16.52 -19.86 -14.67
N LEU A 282 -16.80 -19.24 -13.48
CA LEU A 282 -15.79 -19.03 -12.44
C LEU A 282 -15.28 -20.36 -11.86
N SER A 283 -16.17 -21.34 -11.63
CA SER A 283 -15.79 -22.66 -11.12
C SER A 283 -14.83 -23.35 -12.09
N LYS A 284 -15.13 -23.31 -13.39
CA LYS A 284 -14.30 -23.88 -14.46
C LYS A 284 -12.94 -23.18 -14.50
N PHE A 285 -12.93 -21.82 -14.48
CA PHE A 285 -11.68 -21.05 -14.44
C PHE A 285 -10.83 -21.47 -13.22
N VAL A 286 -11.44 -21.52 -12.03
CA VAL A 286 -10.73 -21.88 -10.80
C VAL A 286 -10.10 -23.29 -10.92
N GLU A 287 -10.88 -24.26 -11.43
CA GLU A 287 -10.43 -25.63 -11.65
C GLU A 287 -9.20 -25.68 -12.58
N GLU A 288 -9.23 -24.88 -13.67
CA GLU A 288 -8.14 -24.81 -14.65
C GLU A 288 -6.87 -24.16 -14.10
N GLN A 289 -6.98 -23.36 -13.04
CA GLN A 289 -5.80 -22.71 -12.43
C GLN A 289 -4.92 -23.73 -11.69
N ASN A 290 -5.53 -24.85 -11.24
CA ASN A 290 -4.89 -25.97 -10.54
C ASN A 290 -4.02 -25.49 -9.37
N LEU A 291 -4.67 -24.80 -8.42
CA LEU A 291 -4.01 -24.23 -7.23
C LEU A 291 -4.03 -25.16 -6.05
N LYS A 292 -2.93 -25.15 -5.28
CA LYS A 292 -2.67 -26.01 -4.13
C LYS A 292 -3.77 -25.99 -3.05
N ASP A 293 -3.88 -24.86 -2.31
CA ASP A 293 -4.80 -24.66 -1.20
C ASP A 293 -5.47 -23.27 -1.28
N LEU A 294 -6.38 -23.14 -2.24
CA LEU A 294 -7.07 -21.87 -2.47
C LEU A 294 -8.06 -21.53 -1.35
N ARG A 295 -7.89 -20.34 -0.76
CA ARG A 295 -8.81 -19.82 0.25
C ARG A 295 -9.80 -18.96 -0.54
N VAL A 296 -11.09 -19.04 -0.20
CA VAL A 296 -12.15 -18.29 -0.91
C VAL A 296 -12.84 -17.43 0.12
N TRP A 297 -12.90 -16.11 -0.13
CA TRP A 297 -13.58 -15.16 0.74
C TRP A 297 -14.71 -14.48 -0.01
N THR A 298 -15.84 -14.25 0.67
CA THR A 298 -17.02 -13.58 0.12
C THR A 298 -17.43 -12.49 1.11
N SER A 299 -18.40 -11.64 0.72
CA SER A 299 -19.01 -10.71 1.65
C SER A 299 -20.16 -11.52 2.37
N GLN A 300 -21.02 -10.83 3.17
CA GLN A 300 -22.16 -11.51 3.77
C GLN A 300 -23.41 -11.24 2.94
N LEU A 301 -23.22 -10.65 1.75
CA LEU A 301 -24.36 -10.38 0.86
C LEU A 301 -24.58 -11.56 -0.09
N LYS A 302 -25.87 -11.89 -0.33
CA LYS A 302 -26.35 -13.00 -1.14
C LYS A 302 -25.61 -13.25 -2.44
N SER A 303 -25.42 -12.19 -3.27
CA SER A 303 -24.85 -12.35 -4.61
C SER A 303 -23.44 -12.94 -4.61
N THR A 304 -22.59 -12.58 -3.62
CA THR A 304 -21.22 -13.12 -3.57
C THR A 304 -21.21 -14.59 -3.11
N ILE A 305 -22.08 -14.92 -2.15
CA ILE A 305 -22.23 -16.26 -1.56
C ILE A 305 -22.79 -17.26 -2.60
N GLN A 306 -23.80 -16.85 -3.38
CA GLN A 306 -24.31 -17.70 -4.48
C GLN A 306 -23.17 -17.93 -5.50
N THR A 307 -22.32 -16.91 -5.74
CA THR A 307 -21.19 -17.04 -6.66
C THR A 307 -20.20 -18.08 -6.12
N ALA A 308 -19.87 -18.01 -4.81
CA ALA A 308 -18.95 -18.96 -4.16
C ALA A 308 -19.54 -20.39 -4.09
N GLU A 309 -20.87 -20.51 -3.96
CA GLU A 309 -21.58 -21.80 -3.92
C GLU A 309 -21.34 -22.65 -5.19
N ALA A 310 -21.20 -22.00 -6.37
CA ALA A 310 -20.93 -22.69 -7.65
C ALA A 310 -19.52 -23.31 -7.70
N LEU A 311 -18.60 -22.85 -6.83
CA LEU A 311 -17.22 -23.36 -6.83
C LEU A 311 -17.06 -24.74 -6.21
N ARG A 312 -17.98 -25.15 -5.31
CA ARG A 312 -17.92 -26.41 -4.53
C ARG A 312 -16.62 -26.45 -3.70
N LEU A 313 -16.24 -25.31 -3.13
CA LEU A 313 -15.05 -25.19 -2.32
C LEU A 313 -15.43 -24.53 -1.01
N PRO A 314 -14.74 -24.82 0.12
CA PRO A 314 -15.06 -24.07 1.35
C PRO A 314 -14.79 -22.56 1.16
N TYR A 315 -15.59 -21.72 1.80
CA TYR A 315 -15.40 -20.26 1.75
C TYR A 315 -15.77 -19.63 3.09
N GLU A 316 -15.26 -18.43 3.34
CA GLU A 316 -15.49 -17.65 4.56
C GLU A 316 -16.15 -16.34 4.20
N GLN A 317 -17.20 -15.98 4.93
CA GLN A 317 -17.93 -14.73 4.70
C GLN A 317 -17.39 -13.65 5.60
N TRP A 318 -17.03 -12.49 5.03
CA TRP A 318 -16.55 -11.37 5.85
C TRP A 318 -17.54 -10.26 5.75
N LYS A 319 -18.00 -9.71 6.88
CA LYS A 319 -18.89 -8.54 6.85
C LYS A 319 -18.12 -7.31 6.33
N ALA A 320 -16.80 -7.27 6.56
CA ALA A 320 -15.93 -6.17 6.09
C ALA A 320 -15.90 -6.08 4.53
N LEU A 321 -16.26 -7.17 3.83
CA LEU A 321 -16.32 -7.17 2.35
C LEU A 321 -17.67 -6.71 1.79
N ASN A 322 -18.68 -6.43 2.66
CA ASN A 322 -19.98 -5.93 2.18
C ASN A 322 -19.79 -4.63 1.41
N GLU A 323 -20.61 -4.42 0.37
CA GLU A 323 -20.54 -3.23 -0.48
C GLU A 323 -20.73 -1.95 0.35
N ILE A 324 -20.16 -0.83 -0.11
CA ILE A 324 -20.31 0.50 0.50
C ILE A 324 -21.79 0.75 0.85
N ASP A 325 -22.07 1.27 2.05
CA ASP A 325 -23.45 1.53 2.48
C ASP A 325 -23.90 2.87 1.90
N ALA A 326 -24.94 2.85 1.05
CA ALA A 326 -25.47 4.08 0.46
C ALA A 326 -26.50 4.81 1.34
N GLY A 327 -26.64 4.37 2.60
CA GLY A 327 -27.54 5.03 3.56
C GLY A 327 -28.95 5.21 3.04
N VAL A 328 -29.45 6.47 2.99
CA VAL A 328 -30.82 6.77 2.49
C VAL A 328 -30.99 6.50 0.97
N CYS A 329 -29.87 6.33 0.24
CA CYS A 329 -29.86 6.09 -1.19
C CYS A 329 -29.84 4.60 -1.57
N GLU A 330 -29.78 3.69 -0.58
CA GLU A 330 -29.82 2.25 -0.82
C GLU A 330 -31.05 1.87 -1.64
N GLU A 331 -30.85 1.03 -2.68
CA GLU A 331 -31.85 0.43 -3.58
C GLU A 331 -32.50 1.41 -4.58
N LEU A 332 -31.91 2.60 -4.73
CA LEU A 332 -32.37 3.62 -5.68
C LEU A 332 -31.50 3.49 -6.92
N THR A 333 -32.00 4.00 -8.06
CA THR A 333 -31.22 4.07 -9.28
C THR A 333 -30.49 5.41 -9.20
N TYR A 334 -29.46 5.63 -10.03
CA TYR A 334 -28.74 6.90 -10.03
C TYR A 334 -29.66 8.04 -10.50
N GLU A 335 -30.63 7.74 -11.39
CA GLU A 335 -31.62 8.71 -11.88
C GLU A 335 -32.56 9.11 -10.73
N GLU A 336 -33.01 8.13 -9.91
CA GLU A 336 -33.83 8.41 -8.73
C GLU A 336 -33.07 9.24 -7.69
N ILE A 337 -31.72 9.04 -7.55
CA ILE A 337 -30.85 9.81 -6.63
C ILE A 337 -30.76 11.26 -7.13
N ARG A 338 -30.43 11.47 -8.42
CA ARG A 338 -30.33 12.79 -9.03
C ARG A 338 -31.65 13.60 -8.89
N ASP A 339 -32.82 12.92 -9.02
CA ASP A 339 -34.11 13.58 -8.93
C ASP A 339 -34.61 13.82 -7.50
N THR A 340 -34.37 12.87 -6.56
CA THR A 340 -34.81 12.97 -5.15
C THR A 340 -33.83 13.78 -4.30
N TYR A 341 -32.53 13.55 -4.49
CA TYR A 341 -31.46 14.20 -3.72
C TYR A 341 -30.47 14.91 -4.68
N PRO A 342 -30.88 15.97 -5.44
CA PRO A 342 -29.94 16.59 -6.41
C PRO A 342 -28.65 17.19 -5.82
N GLU A 343 -28.72 17.74 -4.60
CA GLU A 343 -27.56 18.32 -3.92
C GLU A 343 -26.55 17.19 -3.55
N GLU A 344 -27.05 16.06 -3.02
CA GLU A 344 -26.22 14.90 -2.66
C GLU A 344 -25.50 14.34 -3.89
N TYR A 345 -26.24 14.18 -5.00
CA TYR A 345 -25.69 13.67 -6.28
C TYR A 345 -24.52 14.53 -6.78
N ALA A 346 -24.70 15.86 -6.79
CA ALA A 346 -23.66 16.81 -7.23
C ALA A 346 -22.45 16.83 -6.30
N LEU A 347 -22.65 16.77 -4.96
CA LEU A 347 -21.52 16.74 -4.00
C LEU A 347 -20.65 15.48 -4.16
N ARG A 348 -21.27 14.31 -4.39
CA ARG A 348 -20.54 13.04 -4.60
C ARG A 348 -19.71 13.11 -5.88
N GLU A 349 -20.30 13.60 -6.98
CA GLU A 349 -19.60 13.73 -8.27
C GLU A 349 -18.37 14.61 -8.18
N GLN A 350 -18.40 15.60 -7.28
CA GLN A 350 -17.32 16.56 -7.09
C GLN A 350 -16.23 16.10 -6.12
N ASP A 351 -16.53 15.19 -5.15
CA ASP A 351 -15.55 14.74 -4.16
C ASP A 351 -15.89 13.27 -3.80
N LYS A 352 -15.71 12.36 -4.78
CA LYS A 352 -16.17 10.97 -4.67
C LYS A 352 -15.48 10.12 -3.58
N TYR A 353 -14.19 10.39 -3.29
CA TYR A 353 -13.49 9.63 -2.24
C TYR A 353 -14.01 9.99 -0.82
N TYR A 354 -14.10 11.30 -0.52
CA TYR A 354 -14.48 11.79 0.82
C TYR A 354 -15.97 11.88 1.09
N TYR A 355 -16.79 11.95 0.03
CA TYR A 355 -18.24 12.06 0.15
C TYR A 355 -18.82 10.92 0.96
N ARG A 356 -19.70 11.24 1.91
CA ARG A 356 -20.37 10.21 2.69
C ARG A 356 -21.85 10.29 2.37
N TYR A 357 -22.49 9.17 2.03
CA TYR A 357 -23.93 9.12 1.82
C TYR A 357 -24.64 9.44 3.17
N PRO A 358 -25.84 10.08 3.19
CA PRO A 358 -26.50 10.34 4.49
C PRO A 358 -26.88 9.04 5.18
N THR A 359 -26.40 8.87 6.43
CA THR A 359 -26.53 7.67 7.26
C THR A 359 -25.74 6.49 6.63
N GLY A 360 -24.88 6.79 5.65
CA GLY A 360 -24.07 5.81 4.93
C GLY A 360 -22.59 6.02 5.03
N GLU A 361 -21.86 5.56 4.02
CA GLU A 361 -20.40 5.56 4.03
C GLU A 361 -19.80 6.31 2.88
N SER A 362 -18.49 6.52 3.01
CA SER A 362 -17.61 7.07 1.97
C SER A 362 -16.57 5.98 1.61
N TYR A 363 -15.78 6.17 0.52
CA TYR A 363 -14.64 5.28 0.18
C TYR A 363 -13.61 5.37 1.33
N GLN A 364 -13.48 6.57 1.94
CA GLN A 364 -12.58 6.76 3.09
C GLN A 364 -13.00 5.82 4.23
N ASP A 365 -14.32 5.65 4.48
CA ASP A 365 -14.82 4.71 5.51
C ASP A 365 -14.54 3.25 5.11
N LEU A 366 -14.69 2.95 3.82
CA LEU A 366 -14.42 1.59 3.29
C LEU A 366 -12.97 1.17 3.57
N VAL A 367 -11.98 2.05 3.32
CA VAL A 367 -10.57 1.79 3.60
C VAL A 367 -10.40 1.36 5.07
N GLN A 368 -11.00 2.11 6.02
CA GLN A 368 -10.87 1.75 7.43
C GLN A 368 -11.44 0.36 7.74
N ARG A 369 -12.60 0.02 7.16
CA ARG A 369 -13.30 -1.27 7.33
C ARG A 369 -12.44 -2.41 6.73
N LEU A 370 -11.81 -2.12 5.60
CA LEU A 370 -11.04 -3.11 4.85
C LEU A 370 -9.61 -3.37 5.34
N GLU A 371 -9.08 -2.52 6.22
CA GLU A 371 -7.69 -2.73 6.71
C GLU A 371 -7.44 -4.19 7.28
N PRO A 372 -8.34 -4.80 8.12
CA PRO A 372 -8.09 -6.19 8.56
C PRO A 372 -8.12 -7.20 7.41
N VAL A 373 -8.87 -6.90 6.32
CA VAL A 373 -8.90 -7.76 5.10
C VAL A 373 -7.51 -7.73 4.43
N ILE A 374 -6.95 -6.51 4.25
CA ILE A 374 -5.60 -6.30 3.70
C ILE A 374 -4.53 -7.02 4.57
N MET A 375 -4.60 -6.85 5.90
CA MET A 375 -3.64 -7.50 6.80
C MET A 375 -3.69 -9.03 6.62
N GLU A 376 -4.89 -9.61 6.60
CA GLU A 376 -5.02 -11.05 6.41
C GLU A 376 -4.58 -11.48 5.00
N LEU A 377 -4.87 -10.67 3.95
CA LEU A 377 -4.44 -10.99 2.58
C LEU A 377 -2.92 -11.06 2.49
N GLU A 378 -2.22 -10.18 3.22
CA GLU A 378 -0.76 -10.22 3.27
C GLU A 378 -0.23 -11.55 3.82
N ARG A 379 -0.93 -12.10 4.83
CA ARG A 379 -0.52 -13.34 5.51
C ARG A 379 -0.76 -14.57 4.67
N GLN A 380 -1.82 -14.55 3.88
CA GLN A 380 -2.23 -15.72 3.12
C GLN A 380 -1.38 -16.02 1.89
N GLU A 381 -1.65 -17.14 1.26
CA GLU A 381 -0.98 -17.48 0.01
C GLU A 381 -1.98 -17.30 -1.14
N ASN A 382 -2.54 -18.40 -1.69
CA ASN A 382 -3.50 -18.30 -2.81
C ASN A 382 -4.86 -17.93 -2.26
N VAL A 383 -5.45 -16.82 -2.76
CA VAL A 383 -6.77 -16.38 -2.24
C VAL A 383 -7.64 -15.88 -3.39
N LEU A 384 -8.93 -16.21 -3.36
CA LEU A 384 -9.94 -15.70 -4.30
C LEU A 384 -10.89 -14.86 -3.45
N VAL A 385 -11.04 -13.55 -3.79
CA VAL A 385 -11.94 -12.64 -3.06
C VAL A 385 -13.09 -12.31 -4.01
N ILE A 386 -14.33 -12.67 -3.61
CA ILE A 386 -15.54 -12.40 -4.36
C ILE A 386 -16.25 -11.26 -3.64
N CYS A 387 -16.23 -10.06 -4.25
CA CYS A 387 -16.77 -8.91 -3.53
C CYS A 387 -17.65 -8.01 -4.41
N HIS A 388 -17.53 -6.68 -4.27
CA HIS A 388 -18.43 -5.72 -4.91
C HIS A 388 -17.59 -4.57 -5.45
N GLN A 389 -18.14 -3.79 -6.38
CA GLN A 389 -17.48 -2.73 -7.13
C GLN A 389 -16.64 -1.76 -6.24
N ALA A 390 -17.25 -1.03 -5.30
CA ALA A 390 -16.48 -0.05 -4.48
C ALA A 390 -15.44 -0.74 -3.60
N VAL A 391 -15.78 -1.90 -2.99
CA VAL A 391 -14.84 -2.67 -2.15
C VAL A 391 -13.62 -3.10 -3.02
N LEU A 392 -13.89 -3.63 -4.22
CA LEU A 392 -12.86 -4.09 -5.15
C LEU A 392 -11.92 -2.94 -5.57
N ARG A 393 -12.49 -1.77 -5.86
CA ARG A 393 -11.67 -0.56 -6.19
C ARG A 393 -10.70 -0.26 -5.01
N CYS A 394 -11.19 -0.31 -3.77
N CYS A 394 -11.23 -0.29 -3.77
CA CYS A 394 -10.35 -0.07 -2.59
CA CYS A 394 -10.47 -0.05 -2.52
C CYS A 394 -9.19 -1.04 -2.48
C CYS A 394 -9.28 -1.02 -2.35
N LEU A 395 -9.50 -2.34 -2.59
CA LEU A 395 -8.45 -3.39 -2.51
C LEU A 395 -7.44 -3.24 -3.64
N LEU A 396 -7.93 -3.03 -4.88
CA LEU A 396 -7.08 -2.83 -6.05
C LEU A 396 -6.16 -1.60 -5.89
N ALA A 397 -6.67 -0.51 -5.28
CA ALA A 397 -5.87 0.71 -5.04
C ALA A 397 -4.70 0.40 -4.10
N TYR A 398 -4.92 -0.51 -3.13
CA TYR A 398 -3.83 -0.91 -2.22
C TYR A 398 -2.77 -1.69 -3.02
N PHE A 399 -3.15 -2.74 -3.74
CA PHE A 399 -2.18 -3.57 -4.46
C PHE A 399 -1.46 -2.85 -5.61
N LEU A 400 -2.15 -1.90 -6.28
CA LEU A 400 -1.60 -1.19 -7.44
C LEU A 400 -1.09 0.19 -7.12
N ASP A 401 -1.00 0.54 -5.81
CA ASP A 401 -0.50 1.82 -5.33
C ASP A 401 -1.21 3.03 -5.99
N LYS A 402 -2.57 3.02 -6.00
CA LYS A 402 -3.37 4.11 -6.57
C LYS A 402 -3.77 5.08 -5.48
N SER A 403 -3.79 6.39 -5.80
CA SER A 403 -4.17 7.40 -4.82
C SER A 403 -5.65 7.35 -4.43
N ALA A 404 -6.00 8.05 -3.32
CA ALA A 404 -7.37 8.23 -2.85
C ALA A 404 -8.24 8.87 -3.94
N GLU A 405 -7.68 9.86 -4.67
CA GLU A 405 -8.41 10.54 -5.75
C GLU A 405 -8.75 9.62 -6.93
N GLU A 406 -7.87 8.68 -7.30
CA GLU A 406 -8.19 7.79 -8.42
C GLU A 406 -8.98 6.53 -8.02
N MET A 407 -8.87 6.10 -6.75
CA MET A 407 -9.53 4.91 -6.22
C MET A 407 -11.03 4.79 -6.62
N PRO A 408 -11.91 5.82 -6.46
CA PRO A 408 -13.32 5.60 -6.82
C PRO A 408 -13.63 5.46 -8.31
N TYR A 409 -12.62 5.62 -9.19
CA TYR A 409 -12.83 5.53 -10.64
C TYR A 409 -12.12 4.32 -11.30
N LEU A 410 -11.50 3.43 -10.49
CA LEU A 410 -10.81 2.27 -11.03
C LEU A 410 -11.79 1.34 -11.73
N LYS A 411 -11.41 0.80 -12.90
CA LYS A 411 -12.29 -0.06 -13.69
C LYS A 411 -12.24 -1.49 -13.17
N CYS A 412 -13.39 -1.97 -12.68
N CYS A 412 -13.37 -2.01 -12.70
CA CYS A 412 -13.53 -3.32 -12.13
CA CYS A 412 -13.45 -3.39 -12.25
C CYS A 412 -14.82 -3.91 -12.74
C CYS A 412 -14.78 -3.96 -12.74
N PRO A 413 -14.80 -4.37 -14.03
CA PRO A 413 -16.06 -4.85 -14.62
C PRO A 413 -16.59 -6.16 -14.05
N LEU A 414 -17.87 -6.41 -14.28
CA LEU A 414 -18.53 -7.65 -13.90
C LEU A 414 -17.98 -8.78 -14.76
N HIS A 415 -18.06 -10.00 -14.23
CA HIS A 415 -17.70 -11.24 -14.92
C HIS A 415 -16.24 -11.29 -15.38
N THR A 416 -15.37 -10.53 -14.68
CA THR A 416 -13.94 -10.40 -15.02
C THR A 416 -13.10 -10.66 -13.78
N VAL A 417 -12.14 -11.57 -13.91
CA VAL A 417 -11.23 -11.88 -12.80
C VAL A 417 -9.96 -11.02 -12.94
N LEU A 418 -9.53 -10.39 -11.84
CA LEU A 418 -8.28 -9.65 -11.82
C LEU A 418 -7.29 -10.52 -11.08
N LYS A 419 -6.28 -11.01 -11.80
CA LYS A 419 -5.27 -11.93 -11.27
C LYS A 419 -4.01 -11.16 -10.89
N LEU A 420 -3.68 -11.13 -9.58
CA LEU A 420 -2.53 -10.39 -9.07
C LEU A 420 -1.36 -11.30 -8.73
N THR A 421 -0.17 -11.00 -9.29
CA THR A 421 1.02 -11.79 -9.03
C THR A 421 2.15 -10.92 -8.45
N PRO A 422 2.75 -11.30 -7.29
CA PRO A 422 3.83 -10.47 -6.74
C PRO A 422 5.10 -10.58 -7.56
N VAL A 423 5.56 -9.44 -8.09
CA VAL A 423 6.74 -9.29 -8.91
C VAL A 423 7.51 -8.02 -8.50
N ALA A 424 8.83 -8.16 -8.24
CA ALA A 424 9.76 -7.11 -7.79
C ALA A 424 9.20 -6.37 -6.55
N TYR A 425 8.83 -5.10 -6.71
CA TYR A 425 8.29 -4.25 -5.64
C TYR A 425 6.79 -3.91 -5.83
N GLY A 426 6.01 -4.90 -6.26
CA GLY A 426 4.58 -4.72 -6.46
C GLY A 426 3.85 -5.94 -7.00
N CYS A 427 2.77 -5.66 -7.74
CA CYS A 427 1.90 -6.67 -8.33
C CYS A 427 1.79 -6.46 -9.83
N ARG A 428 1.85 -7.57 -10.56
CA ARG A 428 1.52 -7.65 -11.98
C ARG A 428 -0.01 -7.92 -11.94
N VAL A 429 -0.78 -7.24 -12.79
CA VAL A 429 -2.22 -7.45 -12.89
C VAL A 429 -2.57 -7.98 -14.29
N GLU A 430 -3.28 -9.13 -14.33
CA GLU A 430 -3.76 -9.74 -15.56
CA GLU A 430 -3.76 -9.74 -15.57
C GLU A 430 -5.27 -9.81 -15.43
N SER A 431 -5.99 -9.34 -16.45
CA SER A 431 -7.45 -9.35 -16.48
C SER A 431 -7.93 -10.60 -17.25
N ILE A 432 -8.92 -11.34 -16.71
CA ILE A 432 -9.48 -12.53 -17.39
C ILE A 432 -11.01 -12.42 -17.43
N TYR A 433 -11.55 -12.03 -18.59
CA TYR A 433 -12.98 -11.93 -18.82
C TYR A 433 -13.49 -13.37 -19.11
N LEU A 434 -14.51 -13.81 -18.34
CA LEU A 434 -15.03 -15.18 -18.44
C LEU A 434 -16.15 -15.37 -19.46
N ASN A 435 -16.25 -14.45 -20.45
CA ASN A 435 -17.12 -14.60 -21.61
C ASN A 435 -18.62 -14.79 -21.31
N VAL A 436 -19.14 -14.03 -20.35
CA VAL A 436 -20.55 -14.05 -19.96
C VAL A 436 -20.97 -12.57 -19.95
N GLU A 437 -21.97 -12.23 -20.78
CA GLU A 437 -22.50 -10.87 -20.89
C GLU A 437 -23.08 -10.38 -19.57
N SER A 438 -23.10 -9.05 -19.39
CA SER A 438 -23.65 -8.39 -18.21
C SER A 438 -23.87 -6.93 -18.54
N VAL A 439 -24.58 -6.21 -17.66
CA VAL A 439 -24.72 -4.75 -17.76
C VAL A 439 -23.33 -4.12 -17.43
N CYS A 440 -23.16 -2.82 -17.69
CA CYS A 440 -21.94 -2.10 -17.30
C CYS A 440 -22.33 -1.19 -16.14
N THR A 441 -21.59 -1.26 -15.01
CA THR A 441 -21.90 -0.46 -13.83
C THR A 441 -20.84 0.66 -13.61
N HIS A 442 -19.90 0.81 -14.55
CA HIS A 442 -18.86 1.81 -14.44
C HIS A 442 -19.37 3.20 -14.83
N ARG A 443 -19.08 4.21 -13.99
CA ARG A 443 -19.50 5.59 -14.27
C ARG A 443 -18.26 6.49 -14.19
N GLU A 444 -17.79 6.98 -15.36
CA GLU A 444 -16.60 7.83 -15.48
C GLU A 444 -16.76 9.17 -14.73
N ARG A 445 -15.63 9.85 -14.40
CA ARG A 445 -15.72 11.15 -13.71
C ARG A 445 -16.31 12.26 -14.57
N SER A 446 -17.17 13.10 -13.97
CA SER A 446 -17.83 14.24 -14.61
C SER A 446 -16.90 15.44 -14.67
#